data_8T0N
#
_entry.id   8T0N
#
_cell.length_a   109.267
_cell.length_b   109.267
_cell.length_c   83.168
_cell.angle_alpha   90.00
_cell.angle_beta   90.00
_cell.angle_gamma   90.00
#
_symmetry.space_group_name_H-M   'P 4 2 2'
#
loop_
_entity.id
_entity.type
_entity.pdbx_description
1 polymer 'Aldehyde dehydrogenase 1A1'
2 non-polymer 'YTTERBIUM (III) ION'
3 non-polymer 2-methoxy-6-{[(1-propyl-1H-benzimidazol-2-yl)amino]methyl}phenol
4 non-polymer NICOTINAMIDE-ADENINE-DINUCLEOTIDE
5 non-polymer 'CHLORIDE ION'
6 water water
#
_entity_poly.entity_id   1
_entity_poly.type   'polypeptide(L)'
_entity_poly.pdbx_seq_one_letter_code
;MSSSGTPDLPVLLTDLKIQYTKIFINNEWHDSVSGKKFPVFNPATEEELCQVEEGDKEDVDKAVKAARQAFQIGSPWRTM
DASERGRLLYKLADLIERDRLLLATMESMNGGKLYSNAYLSDLAGCIKTLRYCAGWADKIQGRTIPIDGNFFTYTRHEPI
GVCGQIIPWNFPLVMLIWKIGPALSCGNTVVVKPAEQTPLTALHVASLIKEAGFPPGVVNIVPGYGPTAGAAISSHMDID
KVAFTGSTEVGKLIKEAAGKSNLKRVTLELGGKSPCIVLADADLDNAVEFAHHGVFYHQGQCCIAASRIFVEESIYDEFV
RRSVERAKKYILGNPLTPGVTQGPQIDKEQYDKILDLIESGKKEGAKLECGGGPWGNKGYFVQPTVFSNVTDEMRIAKEE
IFGPVQQIMKFKSLDDVIKRANNTFYGLSAGVFTKDIDKAITISSALQAGTVWVNCYGVVSAQCPFGGFKMSGNGRELGE
YGFHEYTEVKTVTVKISQKNS
;
_entity_poly.pdbx_strand_id   A
#
loop_
_chem_comp.id
_chem_comp.type
_chem_comp.name
_chem_comp.formula
CL non-polymer 'CHLORIDE ION' 'Cl -1'
NAD non-polymer NICOTINAMIDE-ADENINE-DINUCLEOTIDE 'C21 H27 N7 O14 P2'
Y0B non-polymer 2-methoxy-6-{[(1-propyl-1H-benzimidazol-2-yl)amino]methyl}phenol 'C18 H21 N3 O2'
YB non-polymer 'YTTERBIUM (III) ION' 'Yb 3'
#
# COMPACT_ATOMS: atom_id res chain seq x y z
N ASP A 8 5.07 -25.44 0.68
CA ASP A 8 3.80 -25.89 1.22
C ASP A 8 3.23 -24.86 2.19
N LEU A 9 2.04 -25.16 2.73
CA LEU A 9 1.17 -24.16 3.34
C LEU A 9 0.71 -24.57 4.72
N PRO A 10 1.52 -24.29 5.74
CA PRO A 10 1.13 -24.60 7.11
C PRO A 10 0.02 -23.69 7.61
N VAL A 11 -0.67 -24.16 8.65
CA VAL A 11 -1.81 -23.45 9.21
CA VAL A 11 -1.84 -23.49 9.22
C VAL A 11 -1.69 -23.41 10.73
N LEU A 12 -2.46 -22.50 11.34
CA LEU A 12 -2.57 -22.41 12.79
C LEU A 12 -3.37 -23.59 13.31
N LEU A 13 -2.89 -24.22 14.39
CA LEU A 13 -3.50 -25.47 14.86
C LEU A 13 -4.46 -25.27 16.02
N THR A 14 -4.47 -24.12 16.67
CA THR A 14 -5.54 -23.73 17.57
C THR A 14 -6.22 -22.49 17.03
N ASP A 15 -7.51 -22.34 17.33
CA ASP A 15 -8.25 -21.20 16.83
C ASP A 15 -7.63 -19.90 17.34
N LEU A 16 -7.80 -18.85 16.54
CA LEU A 16 -7.20 -17.56 16.82
C LEU A 16 -7.96 -16.86 17.95
N LYS A 17 -7.22 -16.35 18.92
CA LYS A 17 -7.80 -15.56 20.00
C LYS A 17 -7.26 -14.13 19.88
N ILE A 18 -8.16 -13.13 19.91
CA ILE A 18 -7.77 -11.73 19.78
C ILE A 18 -7.41 -11.19 21.15
N GLN A 19 -6.29 -10.53 21.23
CA GLN A 19 -5.78 -10.02 22.49
C GLN A 19 -5.59 -8.53 22.52
N TYR A 20 -5.07 -7.93 21.46
CA TYR A 20 -4.67 -6.55 21.49
C TYR A 20 -5.74 -5.72 20.81
N THR A 21 -6.44 -4.90 21.59
CA THR A 21 -7.57 -4.12 21.10
C THR A 21 -7.48 -2.67 21.54
N LYS A 22 -6.38 -2.25 22.16
CA LYS A 22 -6.27 -0.91 22.70
C LYS A 22 -5.30 -0.02 21.93
N ILE A 23 -5.34 1.26 22.28
CA ILE A 23 -4.44 2.24 21.68
C ILE A 23 -3.04 2.08 22.28
N PHE A 24 -2.02 2.15 21.41
CA PHE A 24 -0.63 1.88 21.76
C PHE A 24 0.13 3.21 21.75
N ILE A 25 0.53 3.69 22.93
CA ILE A 25 1.24 4.96 23.11
C ILE A 25 2.29 4.76 24.18
N ASN A 26 3.53 5.21 23.89
CA ASN A 26 4.67 5.04 24.79
C ASN A 26 4.82 3.59 25.23
N ASN A 27 4.52 2.67 24.29
CA ASN A 27 4.66 1.23 24.54
C ASN A 27 3.74 0.72 25.65
N GLU A 28 2.61 1.38 25.85
CA GLU A 28 1.63 0.96 26.85
CA GLU A 28 1.65 0.94 26.84
C GLU A 28 0.26 0.99 26.21
N TRP A 29 -0.66 0.24 26.77
CA TRP A 29 -1.98 0.09 26.14
C TRP A 29 -2.98 1.03 26.81
N HIS A 30 -3.69 1.81 26.01
CA HIS A 30 -4.51 2.91 26.51
C HIS A 30 -5.96 2.70 26.12
N ASP A 31 -6.88 2.98 27.05
CA ASP A 31 -8.26 3.15 26.62
C ASP A 31 -8.38 4.48 25.89
N SER A 32 -9.38 4.58 25.04
CA SER A 32 -9.76 5.87 24.47
C SER A 32 -10.10 6.88 25.55
N VAL A 33 -9.71 8.12 25.31
CA VAL A 33 -10.07 9.21 26.21
C VAL A 33 -11.57 9.27 26.41
N SER A 34 -12.33 8.97 25.36
CA SER A 34 -13.77 9.03 25.45
C SER A 34 -14.37 7.82 26.14
N GLY A 35 -13.65 6.70 26.17
CA GLY A 35 -14.20 5.46 26.64
C GLY A 35 -14.87 4.66 25.55
N LYS A 36 -15.06 5.26 24.38
CA LYS A 36 -15.75 4.62 23.28
C LYS A 36 -14.89 3.56 22.61
N LYS A 37 -15.57 2.55 22.08
CA LYS A 37 -14.98 1.46 21.32
C LYS A 37 -15.77 1.35 20.03
N PHE A 38 -15.24 0.56 19.10
CA PHE A 38 -15.95 0.37 17.85
C PHE A 38 -15.83 -1.07 17.41
N PRO A 39 -16.80 -1.57 16.65
CA PRO A 39 -16.74 -2.96 16.22
C PRO A 39 -15.84 -3.16 15.03
N VAL A 40 -15.30 -4.36 14.95
CA VAL A 40 -14.51 -4.83 13.82
C VAL A 40 -15.13 -6.14 13.35
N PHE A 41 -15.30 -6.27 12.04
CA PHE A 41 -16.05 -7.38 11.45
C PHE A 41 -15.18 -8.26 10.56
N ASN A 42 -15.71 -9.48 10.33
CA ASN A 42 -15.18 -10.39 9.32
C ASN A 42 -15.98 -10.21 8.03
N PRO A 43 -15.34 -9.82 6.91
CA PRO A 43 -16.13 -9.53 5.70
C PRO A 43 -16.70 -10.76 5.01
N ALA A 44 -16.22 -11.97 5.35
CA ALA A 44 -16.74 -13.17 4.73
C ALA A 44 -17.99 -13.69 5.43
N THR A 45 -18.23 -13.26 6.67
CA THR A 45 -19.39 -13.68 7.45
C THR A 45 -20.30 -12.53 7.85
N GLU A 46 -19.82 -11.30 7.82
CA GLU A 46 -20.55 -10.12 8.28
C GLU A 46 -20.74 -10.13 9.79
N GLU A 47 -19.98 -10.96 10.49
CA GLU A 47 -20.07 -11.08 11.94
C GLU A 47 -18.96 -10.27 12.63
N GLU A 48 -19.30 -9.75 13.81
CA GLU A 48 -18.33 -9.01 14.60
C GLU A 48 -17.30 -9.96 15.19
N LEU A 49 -16.03 -9.56 15.10
CA LEU A 49 -14.90 -10.31 15.63
C LEU A 49 -14.51 -9.86 17.03
N CYS A 50 -14.63 -8.57 17.30
CA CYS A 50 -14.28 -7.96 18.58
C CYS A 50 -14.57 -6.47 18.53
N GLN A 51 -14.31 -5.78 19.64
CA GLN A 51 -14.40 -4.34 19.77
C GLN A 51 -13.00 -3.78 20.03
N VAL A 52 -12.77 -2.53 19.62
CA VAL A 52 -11.44 -1.91 19.68
C VAL A 52 -11.60 -0.50 20.20
N GLU A 53 -10.61 -0.02 20.98
CA GLU A 53 -10.68 1.34 21.49
C GLU A 53 -10.71 2.34 20.34
N GLU A 54 -11.66 3.28 20.39
CA GLU A 54 -11.84 4.21 19.28
C GLU A 54 -11.03 5.48 19.50
N GLY A 55 -9.96 5.65 18.73
CA GLY A 55 -9.14 6.83 18.88
C GLY A 55 -9.77 8.02 18.19
N ASP A 56 -9.55 9.19 18.77
CA ASP A 56 -10.07 10.45 18.23
C ASP A 56 -9.00 11.51 18.46
N LYS A 57 -9.34 12.77 18.21
CA LYS A 57 -8.34 13.83 18.26
C LYS A 57 -7.58 13.85 19.58
N GLU A 58 -8.28 13.62 20.70
CA GLU A 58 -7.62 13.64 22.00
C GLU A 58 -6.56 12.53 22.11
N ASP A 59 -6.83 11.36 21.53
CA ASP A 59 -5.86 10.28 21.58
C ASP A 59 -4.70 10.53 20.63
N VAL A 60 -4.99 11.06 19.44
CA VAL A 60 -3.91 11.42 18.54
C VAL A 60 -3.00 12.44 19.21
N ASP A 61 -3.57 13.39 19.96
CA ASP A 61 -2.78 14.39 20.65
C ASP A 61 -1.81 13.73 21.61
N LYS A 62 -2.26 12.68 22.31
CA LYS A 62 -1.40 11.93 23.23
C LYS A 62 -0.29 11.21 22.51
N ALA A 63 -0.61 10.62 21.37
CA ALA A 63 0.37 9.90 20.60
C ALA A 63 1.40 10.85 20.00
N VAL A 64 0.98 12.03 19.56
CA VAL A 64 1.95 12.95 18.99
C VAL A 64 2.90 13.44 20.07
N LYS A 65 2.37 13.79 21.26
CA LYS A 65 3.26 14.24 22.33
C LYS A 65 4.29 13.16 22.68
N ALA A 66 3.89 11.89 22.69
CA ALA A 66 4.86 10.83 22.98
C ALA A 66 5.89 10.70 21.85
N ALA A 67 5.43 10.78 20.60
CA ALA A 67 6.35 10.71 19.47
C ALA A 67 7.29 11.89 19.45
N ARG A 68 6.78 13.07 19.79
CA ARG A 68 7.66 14.23 19.89
C ARG A 68 8.72 14.03 20.98
N GLN A 69 8.32 13.51 22.14
CA GLN A 69 9.27 13.35 23.24
C GLN A 69 10.33 12.33 22.88
N ALA A 70 9.95 11.25 22.20
CA ALA A 70 10.94 10.26 21.77
C ALA A 70 11.87 10.80 20.68
N PHE A 71 11.50 11.88 20.01
CA PHE A 71 12.34 12.44 18.97
C PHE A 71 13.25 13.55 19.48
N GLN A 72 13.16 13.90 20.77
CA GLN A 72 13.93 15.03 21.26
C GLN A 72 15.43 14.76 21.19
N ILE A 73 16.20 15.80 20.86
CA ILE A 73 17.67 15.69 20.93
C ILE A 73 18.06 15.13 22.29
N GLY A 74 18.98 14.17 22.29
CA GLY A 74 19.43 13.53 23.51
C GLY A 74 18.65 12.30 23.91
N SER A 75 17.54 12.03 23.24
CA SER A 75 16.73 10.86 23.54
C SER A 75 17.41 9.56 23.10
N PRO A 76 16.99 8.41 23.66
CA PRO A 76 17.56 7.12 23.20
C PRO A 76 17.46 6.88 21.69
N TRP A 77 16.30 7.14 21.10
CA TRP A 77 16.11 6.93 19.67
C TRP A 77 16.92 7.89 18.83
N ARG A 78 17.18 9.11 19.31
CA ARG A 78 18.06 10.02 18.56
C ARG A 78 19.54 9.70 18.73
N THR A 79 19.95 9.18 19.88
CA THR A 79 21.38 9.02 20.14
C THR A 79 21.90 7.61 19.88
N MET A 80 21.02 6.61 19.72
CA MET A 80 21.53 5.27 19.49
C MET A 80 22.19 5.18 18.12
N ASP A 81 23.11 4.24 17.99
CA ASP A 81 23.76 4.04 16.70
C ASP A 81 22.69 3.75 15.66
N ALA A 82 22.90 4.29 14.46
CA ALA A 82 22.10 3.90 13.31
C ALA A 82 22.04 2.39 13.16
N SER A 83 23.19 1.73 13.35
CA SER A 83 23.23 0.28 13.19
C SER A 83 22.30 -0.41 14.18
N GLU A 84 22.06 0.21 15.33
CA GLU A 84 21.15 -0.35 16.33
CA GLU A 84 21.15 -0.36 16.31
C GLU A 84 19.68 -0.13 15.95
N ARG A 85 19.36 1.01 15.35
CA ARG A 85 18.04 1.13 14.73
C ARG A 85 17.83 -0.05 13.77
N GLY A 86 18.86 -0.39 12.99
CA GLY A 86 18.71 -1.47 12.03
C GLY A 86 18.53 -2.81 12.71
N ARG A 87 19.28 -3.05 13.80
CA ARG A 87 19.11 -4.28 14.59
C ARG A 87 17.69 -4.43 15.11
N LEU A 88 17.09 -3.33 15.58
CA LEU A 88 15.74 -3.38 16.12
C LEU A 88 14.76 -3.75 15.02
N LEU A 89 14.97 -3.22 13.82
CA LEU A 89 14.09 -3.56 12.72
C LEU A 89 14.28 -5.02 12.28
N TYR A 90 15.53 -5.52 12.31
N TYR A 90 15.54 -5.48 12.26
CA TYR A 90 15.73 -6.94 11.99
CA TYR A 90 15.83 -6.90 12.01
C TYR A 90 15.10 -7.84 13.03
C TYR A 90 15.09 -7.79 13.01
N LYS A 91 15.19 -7.45 14.31
CA LYS A 91 14.53 -8.24 15.34
C LYS A 91 13.02 -8.23 15.15
N LEU A 92 12.45 -7.06 14.83
CA LEU A 92 11.02 -7.01 14.55
C LEU A 92 10.66 -7.96 13.41
N ALA A 93 11.47 -7.99 12.36
CA ALA A 93 11.18 -8.92 11.28
C ALA A 93 11.24 -10.37 11.78
N ASP A 94 12.24 -10.69 12.60
CA ASP A 94 12.33 -12.01 13.20
C ASP A 94 11.07 -12.36 13.99
N LEU A 95 10.51 -11.38 14.69
CA LEU A 95 9.34 -11.65 15.52
C LEU A 95 8.08 -11.85 14.68
N ILE A 96 7.97 -11.09 13.59
CA ILE A 96 6.84 -11.28 12.70
C ILE A 96 6.93 -12.63 12.02
N GLU A 97 8.14 -13.03 11.65
CA GLU A 97 8.35 -14.39 11.17
C GLU A 97 7.87 -15.41 12.19
N ARG A 98 8.27 -15.24 13.46
CA ARG A 98 7.81 -16.15 14.52
C ARG A 98 6.29 -16.25 14.56
N ASP A 99 5.61 -15.10 14.49
CA ASP A 99 4.17 -15.06 14.59
C ASP A 99 3.50 -15.08 13.23
N ARG A 100 4.13 -15.67 12.23
CA ARG A 100 3.63 -15.59 10.86
C ARG A 100 2.29 -16.30 10.71
N LEU A 101 2.15 -17.47 11.35
CA LEU A 101 0.88 -18.20 11.24
C LEU A 101 -0.26 -17.38 11.85
N LEU A 102 -0.07 -16.90 13.08
CA LEU A 102 -1.08 -16.06 13.74
C LEU A 102 -1.38 -14.79 12.93
N LEU A 103 -0.35 -14.12 12.43
CA LEU A 103 -0.59 -12.86 11.76
C LEU A 103 -1.33 -13.08 10.44
N ALA A 104 -0.95 -14.11 9.70
CA ALA A 104 -1.60 -14.37 8.42
C ALA A 104 -3.04 -14.80 8.65
N THR A 105 -3.30 -15.52 9.74
CA THR A 105 -4.67 -15.95 10.02
C THR A 105 -5.53 -14.73 10.35
N MET A 106 -5.00 -13.86 11.22
CA MET A 106 -5.70 -12.66 11.63
C MET A 106 -5.92 -11.73 10.45
N GLU A 107 -4.89 -11.60 9.60
CA GLU A 107 -5.00 -10.80 8.38
C GLU A 107 -6.12 -11.32 7.48
N SER A 108 -6.14 -12.63 7.24
CA SER A 108 -7.18 -13.24 6.41
C SER A 108 -8.57 -13.06 7.03
N MET A 109 -8.70 -13.29 8.34
CA MET A 109 -10.02 -13.21 8.97
C MET A 109 -10.56 -11.78 9.04
N ASN A 110 -9.72 -10.80 9.38
CA ASN A 110 -10.19 -9.42 9.49
C ASN A 110 -10.30 -8.77 8.11
N GLY A 111 -9.37 -9.09 7.21
CA GLY A 111 -9.25 -8.40 5.93
C GLY A 111 -9.98 -9.04 4.75
N GLY A 112 -10.52 -10.23 4.94
CA GLY A 112 -11.16 -10.98 3.86
C GLY A 112 -10.18 -11.47 2.82
N LYS A 113 -8.95 -11.79 3.23
CA LYS A 113 -7.82 -12.02 2.35
C LYS A 113 -7.49 -13.50 2.30
N LEU A 114 -7.42 -14.07 1.10
CA LEU A 114 -7.08 -15.48 0.97
C LEU A 114 -5.89 -15.80 1.86
N TYR A 115 -6.04 -16.85 2.68
CA TYR A 115 -5.01 -17.21 3.65
C TYR A 115 -3.74 -17.64 2.94
N SER A 116 -3.89 -18.33 1.79
CA SER A 116 -2.72 -18.71 1.02
C SER A 116 -1.89 -17.49 0.69
N ASN A 117 -2.55 -16.44 0.18
CA ASN A 117 -1.83 -15.23 -0.17
CA ASN A 117 -1.85 -15.22 -0.18
C ASN A 117 -1.34 -14.49 1.06
N ALA A 118 -2.17 -14.40 2.11
CA ALA A 118 -1.74 -13.70 3.31
C ALA A 118 -0.47 -14.31 3.87
N TYR A 119 -0.40 -15.65 3.89
CA TYR A 119 0.75 -16.33 4.47
C TYR A 119 1.96 -16.27 3.55
N LEU A 120 1.77 -16.58 2.28
CA LEU A 120 2.91 -16.75 1.36
C LEU A 120 3.34 -15.44 0.70
N SER A 121 2.47 -14.46 0.60
CA SER A 121 2.80 -13.21 -0.06
CA SER A 121 2.81 -13.21 -0.06
C SER A 121 2.86 -12.04 0.94
N ASP A 122 1.72 -11.69 1.53
CA ASP A 122 1.71 -10.53 2.44
C ASP A 122 2.76 -10.69 3.53
N LEU A 123 2.73 -11.79 4.26
CA LEU A 123 3.64 -11.93 5.40
C LEU A 123 5.08 -12.00 4.94
N ALA A 124 5.36 -12.72 3.85
CA ALA A 124 6.72 -12.73 3.31
C ALA A 124 7.18 -11.34 2.92
N GLY A 125 6.32 -10.58 2.25
CA GLY A 125 6.70 -9.23 1.87
C GLY A 125 6.93 -8.34 3.07
N CYS A 126 6.08 -8.47 4.10
N CYS A 126 6.11 -8.49 4.13
CA CYS A 126 6.29 -7.84 5.39
CA CYS A 126 6.36 -7.74 5.35
C CYS A 126 7.70 -8.07 5.93
C CYS A 126 7.74 -8.06 5.93
N ILE A 127 8.09 -9.35 6.00
CA ILE A 127 9.37 -9.74 6.58
C ILE A 127 10.52 -9.24 5.72
N LYS A 128 10.45 -9.48 4.41
CA LYS A 128 11.51 -9.05 3.49
C LYS A 128 11.65 -7.54 3.49
N THR A 129 10.53 -6.81 3.52
CA THR A 129 10.65 -5.36 3.47
C THR A 129 11.30 -4.83 4.73
N LEU A 130 10.91 -5.36 5.91
CA LEU A 130 11.57 -4.94 7.14
C LEU A 130 13.07 -5.20 7.08
N ARG A 131 13.48 -6.38 6.62
CA ARG A 131 14.91 -6.67 6.59
C ARG A 131 15.66 -5.77 5.61
N TYR A 132 15.02 -5.48 4.47
CA TYR A 132 15.56 -4.50 3.55
C TYR A 132 15.74 -3.15 4.22
N CYS A 133 14.71 -2.66 4.91
CA CYS A 133 14.81 -1.36 5.59
C CYS A 133 15.86 -1.37 6.70
N ALA A 134 15.96 -2.48 7.42
CA ALA A 134 16.97 -2.57 8.46
C ALA A 134 18.35 -2.30 7.89
N GLY A 135 18.60 -2.80 6.69
CA GLY A 135 19.93 -2.70 6.12
C GLY A 135 20.30 -1.28 5.73
N TRP A 136 19.29 -0.44 5.44
CA TRP A 136 19.60 0.93 5.08
C TRP A 136 19.99 1.82 6.26
N ALA A 137 19.63 1.45 7.49
CA ALA A 137 19.63 2.42 8.59
C ALA A 137 20.99 3.11 8.76
N ASP A 138 22.08 2.36 8.75
CA ASP A 138 23.43 2.93 8.91
C ASP A 138 24.12 3.16 7.56
N LYS A 139 23.34 3.25 6.50
CA LYS A 139 23.82 3.57 5.17
C LYS A 139 23.14 4.81 4.63
N ILE A 140 22.34 5.50 5.44
CA ILE A 140 21.79 6.82 5.14
C ILE A 140 22.92 7.81 5.35
N GLN A 141 23.32 8.51 4.28
CA GLN A 141 24.49 9.36 4.34
C GLN A 141 24.21 10.70 3.67
N GLY A 142 24.79 11.74 4.23
CA GLY A 142 24.88 13.03 3.56
C GLY A 142 26.15 13.18 2.76
N ARG A 143 26.57 14.42 2.58
CA ARG A 143 27.62 14.71 1.63
C ARG A 143 28.61 15.70 2.20
N THR A 144 29.82 15.68 1.65
CA THR A 144 30.73 16.81 1.79
C THR A 144 30.83 17.47 0.43
N ILE A 145 30.79 18.80 0.42
CA ILE A 145 30.48 19.56 -0.79
C ILE A 145 31.53 20.64 -1.03
N PRO A 146 32.11 20.68 -2.25
CA PRO A 146 33.17 21.65 -2.59
C PRO A 146 32.59 23.00 -2.99
N ILE A 147 31.96 23.65 -2.00
CA ILE A 147 31.36 24.95 -2.17
C ILE A 147 32.40 25.98 -2.57
N ASP A 148 31.95 27.02 -3.26
CA ASP A 148 32.82 28.17 -3.54
C ASP A 148 33.20 28.84 -2.21
N GLY A 149 34.41 29.42 -2.16
CA GLY A 149 34.87 30.14 -0.99
C GLY A 149 35.58 29.25 0.01
N ASN A 150 36.13 29.90 1.04
CA ASN A 150 36.91 29.20 2.07
C ASN A 150 35.96 28.78 3.17
N PHE A 151 35.30 27.65 2.92
CA PHE A 151 34.30 27.06 3.79
C PHE A 151 34.42 25.54 3.70
N PHE A 152 34.06 24.88 4.81
CA PHE A 152 33.81 23.43 4.87
C PHE A 152 32.30 23.25 4.94
N THR A 153 31.72 22.55 3.96
CA THR A 153 30.27 22.36 3.89
C THR A 153 29.98 20.87 3.85
N TYR A 154 29.13 20.43 4.76
CA TYR A 154 28.63 19.08 4.77
C TYR A 154 27.12 19.09 4.96
N THR A 155 26.49 17.96 4.66
CA THR A 155 25.07 17.84 4.87
C THR A 155 24.77 16.67 5.80
N ARG A 156 23.74 16.87 6.61
CA ARG A 156 23.11 15.84 7.41
C ARG A 156 21.77 15.46 6.79
N HIS A 157 21.56 14.17 6.55
CA HIS A 157 20.25 13.64 6.19
C HIS A 157 19.62 13.17 7.48
N GLU A 158 19.06 14.13 8.20
CA GLU A 158 18.39 13.88 9.46
C GLU A 158 17.04 13.21 9.25
N PRO A 159 16.53 12.52 10.27
CA PRO A 159 15.10 12.25 10.26
C PRO A 159 14.29 13.54 10.30
N ILE A 160 13.08 13.46 9.79
CA ILE A 160 12.20 14.62 9.75
C ILE A 160 11.65 14.91 11.13
N GLY A 161 11.12 13.88 11.78
CA GLY A 161 10.49 14.07 13.06
C GLY A 161 9.30 13.15 13.24
N VAL A 162 8.20 13.71 13.65
CA VAL A 162 7.01 12.92 13.91
C VAL A 162 6.24 12.78 12.59
N CYS A 163 6.05 11.53 12.15
CA CYS A 163 5.40 11.19 10.90
C CYS A 163 4.07 10.49 11.18
N GLY A 164 2.99 11.07 10.71
CA GLY A 164 1.67 10.46 10.80
C GLY A 164 1.43 9.62 9.55
N GLN A 165 0.97 8.40 9.75
CA GLN A 165 0.93 7.38 8.71
C GLN A 165 -0.45 6.75 8.73
N ILE A 166 -1.26 7.07 7.70
CA ILE A 166 -2.65 6.63 7.57
C ILE A 166 -2.65 5.50 6.55
N ILE A 167 -3.13 4.34 6.99
N ILE A 167 -3.13 4.34 7.00
CA ILE A 167 -2.97 3.05 6.33
CA ILE A 167 -2.98 3.05 6.34
C ILE A 167 -4.33 2.62 5.79
C ILE A 167 -4.34 2.62 5.80
N PRO A 168 -4.42 1.97 4.62
CA PRO A 168 -5.72 1.44 4.17
C PRO A 168 -6.01 0.00 4.60
N TRP A 169 -7.18 -0.52 4.22
CA TRP A 169 -7.68 -1.84 4.67
C TRP A 169 -7.31 -2.99 3.72
N ASN A 170 -6.80 -2.69 2.52
CA ASN A 170 -6.63 -3.74 1.52
C ASN A 170 -5.32 -4.52 1.71
N PHE A 171 -4.27 -3.87 2.21
CA PHE A 171 -3.03 -4.57 2.58
C PHE A 171 -2.58 -4.06 3.94
N PRO A 172 -3.24 -4.49 5.04
CA PRO A 172 -3.02 -3.83 6.35
C PRO A 172 -1.60 -3.98 6.84
N LEU A 173 -1.09 -5.21 6.84
CA LEU A 173 0.25 -5.44 7.36
C LEU A 173 1.30 -4.90 6.40
N VAL A 174 1.15 -5.17 5.16
CA VAL A 174 2.13 -4.71 4.18
C VAL A 174 2.21 -3.19 4.17
N MET A 175 1.11 -2.47 4.22
CA MET A 175 1.14 -1.00 4.22
C MET A 175 1.74 -0.53 5.54
N LEU A 176 1.43 -1.22 6.63
CA LEU A 176 1.99 -0.86 7.95
C LEU A 176 3.51 -0.91 7.85
N ILE A 177 4.05 -1.98 7.30
CA ILE A 177 5.50 -2.15 7.25
C ILE A 177 6.11 -1.22 6.19
N TRP A 178 5.45 -1.05 5.05
CA TRP A 178 5.96 -0.09 4.04
C TRP A 178 6.13 1.30 4.62
N LYS A 179 5.23 1.67 5.55
CA LYS A 179 5.29 2.96 6.22
C LYS A 179 6.32 2.97 7.35
N ILE A 180 6.25 2.01 8.29
CA ILE A 180 7.10 2.19 9.47
C ILE A 180 8.55 1.76 9.21
N GLY A 181 8.78 0.87 8.24
CA GLY A 181 10.12 0.37 7.97
C GLY A 181 11.07 1.47 7.57
N PRO A 182 10.73 2.20 6.50
CA PRO A 182 11.62 3.32 6.11
C PRO A 182 11.62 4.46 7.11
N ALA A 183 10.47 4.78 7.71
CA ALA A 183 10.41 5.88 8.68
C ALA A 183 11.37 5.64 9.84
N LEU A 184 11.33 4.43 10.39
CA LEU A 184 12.14 4.10 11.55
C LEU A 184 13.60 3.95 11.16
N SER A 185 13.86 3.33 10.00
CA SER A 185 15.23 3.14 9.55
C SER A 185 15.94 4.49 9.50
N CYS A 186 15.24 5.53 9.05
CA CYS A 186 15.79 6.87 8.95
C CYS A 186 15.82 7.60 10.28
N GLY A 187 15.15 7.09 11.30
CA GLY A 187 15.25 7.69 12.60
C GLY A 187 14.06 8.50 13.03
N ASN A 188 12.96 8.47 12.30
CA ASN A 188 11.74 9.18 12.66
C ASN A 188 11.00 8.46 13.78
N THR A 189 10.03 9.16 14.36
CA THR A 189 8.98 8.56 15.19
C THR A 189 7.65 8.68 14.45
N VAL A 190 6.75 7.76 14.77
CA VAL A 190 5.53 7.62 13.96
C VAL A 190 4.29 7.52 14.84
N VAL A 191 3.19 8.05 14.29
CA VAL A 191 1.84 7.88 14.80
C VAL A 191 1.04 7.27 13.65
N VAL A 192 0.63 6.00 13.80
CA VAL A 192 0.01 5.23 12.72
C VAL A 192 -1.48 5.18 12.97
N LYS A 193 -2.31 5.36 11.93
CA LYS A 193 -3.75 5.21 12.09
C LYS A 193 -4.18 4.14 11.10
N PRO A 194 -4.32 2.89 11.52
CA PRO A 194 -4.76 1.84 10.61
C PRO A 194 -6.20 2.07 10.21
N ALA A 195 -6.59 1.45 9.10
CA ALA A 195 -7.98 1.44 8.64
C ALA A 195 -8.94 1.00 9.74
N GLU A 196 -10.06 1.72 9.86
CA GLU A 196 -11.08 1.32 10.84
C GLU A 196 -11.52 -0.11 10.64
N GLN A 197 -11.49 -0.59 9.38
CA GLN A 197 -11.92 -1.96 9.09
C GLN A 197 -10.91 -3.01 9.54
N THR A 198 -9.62 -2.65 9.67
CA THR A 198 -8.54 -3.63 9.85
C THR A 198 -7.51 -3.10 10.82
N PRO A 199 -7.87 -2.90 12.09
CA PRO A 199 -6.86 -2.50 13.07
C PRO A 199 -6.07 -3.65 13.66
N LEU A 200 -6.52 -4.90 13.51
CA LEU A 200 -6.09 -5.95 14.44
C LEU A 200 -4.63 -6.36 14.23
N THR A 201 -4.18 -6.56 12.98
CA THR A 201 -2.79 -7.00 12.79
C THR A 201 -1.81 -5.90 13.20
N ALA A 202 -2.20 -4.63 13.02
CA ALA A 202 -1.31 -3.54 13.43
C ALA A 202 -1.10 -3.56 14.94
N LEU A 203 -2.17 -3.81 15.71
CA LEU A 203 -2.03 -3.84 17.16
C LEU A 203 -1.23 -5.03 17.62
N HIS A 204 -1.28 -6.13 16.88
CA HIS A 204 -0.41 -7.25 17.25
C HIS A 204 1.05 -6.90 16.97
N VAL A 205 1.31 -6.25 15.84
CA VAL A 205 2.68 -5.79 15.56
C VAL A 205 3.14 -4.82 16.62
N ALA A 206 2.25 -3.96 17.14
CA ALA A 206 2.68 -3.11 18.23
C ALA A 206 3.15 -3.96 19.41
N SER A 207 2.46 -5.10 19.72
CA SER A 207 2.98 -6.07 20.71
C SER A 207 4.43 -6.38 20.43
N LEU A 208 4.75 -6.64 19.16
CA LEU A 208 6.10 -7.05 18.84
C LEU A 208 7.13 -5.91 18.82
N ILE A 209 6.67 -4.68 18.57
CA ILE A 209 7.55 -3.53 18.69
C ILE A 209 8.01 -3.35 20.14
N LYS A 210 7.07 -3.43 21.08
CA LYS A 210 7.46 -3.47 22.49
C LYS A 210 8.43 -4.61 22.76
N GLU A 211 8.08 -5.82 22.35
CA GLU A 211 8.94 -6.97 22.63
C GLU A 211 10.33 -6.82 22.03
N ALA A 212 10.44 -6.17 20.87
CA ALA A 212 11.75 -6.03 20.22
C ALA A 212 12.66 -5.06 20.95
N GLY A 213 12.09 -4.14 21.72
CA GLY A 213 12.88 -3.22 22.49
C GLY A 213 12.92 -1.81 21.97
N PHE A 214 12.06 -1.45 21.02
CA PHE A 214 12.04 -0.08 20.52
C PHE A 214 11.77 0.86 21.70
N PRO A 215 12.43 2.01 21.75
CA PRO A 215 12.18 2.94 22.84
C PRO A 215 10.73 3.41 22.81
N PRO A 216 10.16 3.68 23.98
CA PRO A 216 8.76 4.10 24.00
C PRO A 216 8.53 5.41 23.26
N GLY A 217 7.40 5.46 22.56
CA GLY A 217 7.02 6.63 21.81
C GLY A 217 7.54 6.65 20.39
N VAL A 218 8.40 5.70 20.05
CA VAL A 218 8.93 5.64 18.69
C VAL A 218 7.84 5.20 17.71
N VAL A 219 7.02 4.23 18.11
CA VAL A 219 5.85 3.81 17.34
C VAL A 219 4.63 3.90 18.23
N ASN A 220 3.61 4.62 17.76
CA ASN A 220 2.34 4.77 18.44
C ASN A 220 1.26 4.39 17.43
N ILE A 221 0.31 3.57 17.84
CA ILE A 221 -0.74 3.13 16.93
C ILE A 221 -2.08 3.53 17.51
N VAL A 222 -2.84 4.31 16.74
CA VAL A 222 -4.12 4.84 17.19
C VAL A 222 -5.21 4.36 16.27
N PRO A 223 -5.80 3.19 16.51
CA PRO A 223 -6.97 2.76 15.72
C PRO A 223 -8.11 3.75 15.87
N GLY A 224 -8.94 3.82 14.84
CA GLY A 224 -10.07 4.73 14.83
C GLY A 224 -10.47 5.07 13.39
N TYR A 225 -11.35 6.06 13.29
CA TYR A 225 -11.98 6.41 12.02
C TYR A 225 -11.27 7.55 11.29
N GLY A 226 -11.65 7.71 10.02
CA GLY A 226 -10.93 8.59 9.13
C GLY A 226 -11.20 10.04 9.43
N PRO A 227 -12.48 10.43 9.35
CA PRO A 227 -12.84 11.84 9.60
C PRO A 227 -12.54 12.30 11.01
N THR A 228 -12.17 11.39 11.91
CA THR A 228 -11.92 11.72 13.30
C THR A 228 -10.43 11.69 13.60
N ALA A 229 -9.88 10.48 13.75
CA ALA A 229 -8.44 10.34 14.05
C ALA A 229 -7.58 10.63 12.83
N GLY A 230 -8.02 10.25 11.64
CA GLY A 230 -7.26 10.58 10.45
C GLY A 230 -7.13 12.07 10.23
N ALA A 231 -8.25 12.79 10.36
CA ALA A 231 -8.25 14.24 10.17
C ALA A 231 -7.46 14.95 11.27
N ALA A 232 -7.44 14.40 12.48
CA ALA A 232 -6.61 14.99 13.52
C ALA A 232 -5.14 14.89 13.17
N ILE A 233 -4.73 13.80 12.53
CA ILE A 233 -3.36 13.69 12.05
C ILE A 233 -3.11 14.71 10.94
N SER A 234 -4.01 14.75 9.96
CA SER A 234 -3.86 15.65 8.80
C SER A 234 -3.60 17.08 9.22
N SER A 235 -4.35 17.56 10.18
CA SER A 235 -4.37 18.95 10.58
C SER A 235 -3.54 19.23 11.83
N HIS A 236 -2.79 18.25 12.32
CA HIS A 236 -2.07 18.43 13.57
C HIS A 236 -0.90 19.40 13.44
N MET A 237 -0.78 20.34 14.37
CA MET A 237 0.27 21.35 14.27
C MET A 237 1.64 20.87 14.71
N ASP A 238 1.77 19.65 15.25
CA ASP A 238 3.10 19.19 15.61
C ASP A 238 3.52 17.88 14.96
N ILE A 239 2.85 17.49 13.87
CA ILE A 239 3.25 16.37 13.02
C ILE A 239 4.00 16.95 11.83
N ASP A 240 5.22 16.46 11.60
CA ASP A 240 6.08 17.07 10.58
C ASP A 240 5.78 16.58 9.18
N LYS A 241 5.25 15.36 9.07
CA LYS A 241 4.98 14.73 7.80
C LYS A 241 3.83 13.73 7.95
N VAL A 242 3.03 13.62 6.90
CA VAL A 242 1.97 12.62 6.81
C VAL A 242 2.13 11.83 5.51
N ALA A 243 2.02 10.51 5.62
CA ALA A 243 1.99 9.61 4.48
C ALA A 243 0.67 8.84 4.49
N PHE A 244 0.16 8.57 3.29
CA PHE A 244 -1.19 8.07 3.15
C PHE A 244 -1.30 7.23 1.89
N THR A 245 -2.00 6.14 2.02
CA THR A 245 -2.43 5.34 0.87
C THR A 245 -3.92 5.14 1.01
N GLY A 246 -4.64 5.29 -0.07
CA GLY A 246 -6.08 5.23 -0.03
C GLY A 246 -6.68 6.00 -1.20
N SER A 247 -7.87 6.56 -0.97
CA SER A 247 -8.65 7.09 -2.08
C SER A 247 -8.09 8.43 -2.54
N THR A 248 -8.34 8.73 -3.82
CA THR A 248 -7.96 10.04 -4.34
C THR A 248 -8.67 11.15 -3.58
N GLU A 249 -9.90 10.88 -3.16
CA GLU A 249 -10.71 11.90 -2.51
C GLU A 249 -10.13 12.29 -1.14
N VAL A 250 -9.68 11.31 -0.36
CA VAL A 250 -9.08 11.59 0.94
C VAL A 250 -7.72 12.25 0.75
N GLY A 251 -6.95 11.80 -0.25
CA GLY A 251 -5.68 12.45 -0.52
C GLY A 251 -5.83 13.96 -0.63
N LYS A 252 -6.89 14.40 -1.32
CA LYS A 252 -7.09 15.83 -1.51
C LYS A 252 -7.43 16.51 -0.19
N LEU A 253 -8.24 15.83 0.64
CA LEU A 253 -8.69 16.32 1.96
C LEU A 253 -7.50 16.43 2.91
N ILE A 254 -6.52 15.53 2.77
CA ILE A 254 -5.29 15.47 3.62
C ILE A 254 -4.34 16.60 3.21
N LYS A 255 -4.09 16.74 1.90
CA LYS A 255 -3.19 17.77 1.32
C LYS A 255 -3.73 19.17 1.70
N GLU A 256 -5.05 19.34 1.64
CA GLU A 256 -5.74 20.62 1.97
C GLU A 256 -5.61 20.89 3.47
N ALA A 257 -5.73 19.85 4.29
CA ALA A 257 -5.63 19.90 5.77
C ALA A 257 -4.20 20.27 6.17
N ALA A 258 -3.21 19.68 5.49
CA ALA A 258 -1.79 19.92 5.74
C ALA A 258 -1.44 21.36 5.38
N GLY A 259 -1.88 21.80 4.21
CA GLY A 259 -1.63 23.18 3.82
C GLY A 259 -2.23 24.16 4.79
N LYS A 260 -3.42 23.85 5.31
CA LYS A 260 -4.15 24.78 6.16
C LYS A 260 -3.54 24.90 7.55
N SER A 261 -2.84 23.86 8.03
CA SER A 261 -2.41 23.84 9.42
C SER A 261 -0.96 24.28 9.53
N ASN A 262 -0.02 23.37 9.25
CA ASN A 262 1.40 23.66 9.52
C ASN A 262 2.31 23.36 8.34
N LEU A 263 1.75 23.22 7.14
CA LEU A 263 2.51 22.99 5.93
C LEU A 263 3.40 21.77 6.05
N LYS A 264 2.90 20.77 6.77
CA LYS A 264 3.62 19.53 6.91
C LYS A 264 3.87 18.89 5.55
N ARG A 265 4.96 18.13 5.48
CA ARG A 265 5.26 17.37 4.26
C ARG A 265 4.20 16.30 4.04
N VAL A 266 3.84 16.06 2.76
CA VAL A 266 2.80 15.08 2.44
C VAL A 266 3.26 14.20 1.27
N THR A 267 3.14 12.88 1.45
CA THR A 267 3.29 11.93 0.36
C THR A 267 2.02 11.08 0.30
N LEU A 268 1.56 10.80 -0.91
CA LEU A 268 0.32 10.10 -1.12
C LEU A 268 0.49 9.00 -2.17
N GLU A 269 -0.25 7.90 -1.99
CA GLU A 269 -0.43 6.92 -3.04
C GLU A 269 -1.92 6.63 -3.14
N LEU A 270 -2.49 6.80 -4.35
CA LEU A 270 -3.93 7.02 -4.43
C LEU A 270 -4.63 6.11 -5.45
N GLY A 271 -4.08 4.97 -5.72
CA GLY A 271 -4.71 4.10 -6.67
C GLY A 271 -4.50 4.49 -8.12
N GLY A 272 -5.30 3.87 -8.99
CA GLY A 272 -4.98 3.97 -10.40
C GLY A 272 -6.08 3.46 -11.32
N LYS A 273 -5.76 3.50 -12.57
CA LYS A 273 -6.58 2.95 -13.63
C LYS A 273 -5.56 2.41 -14.63
N SER A 274 -4.75 1.45 -14.15
CA SER A 274 -3.47 1.11 -14.78
C SER A 274 -3.70 0.31 -16.05
N PRO A 275 -3.06 0.67 -17.14
CA PRO A 275 -3.30 0.00 -18.41
C PRO A 275 -2.23 -1.00 -18.79
N CYS A 276 -2.63 -2.00 -19.55
CA CYS A 276 -1.73 -2.93 -20.21
C CYS A 276 -1.85 -2.73 -21.71
N ILE A 277 -0.74 -2.86 -22.41
CA ILE A 277 -0.70 -2.81 -23.86
C ILE A 277 -0.11 -4.12 -24.33
N VAL A 278 -0.90 -4.87 -25.10
CA VAL A 278 -0.52 -6.20 -25.56
C VAL A 278 -0.34 -6.16 -27.07
N LEU A 279 0.91 -6.24 -27.52
CA LEU A 279 1.18 -6.23 -28.94
C LEU A 279 1.00 -7.61 -29.55
N ALA A 280 0.84 -7.63 -30.87
CA ALA A 280 0.51 -8.88 -31.55
C ALA A 280 1.61 -9.91 -31.41
N ASP A 281 2.85 -9.47 -31.25
CA ASP A 281 3.96 -10.41 -31.12
C ASP A 281 4.17 -10.90 -29.67
N ALA A 282 3.27 -10.57 -28.75
CA ALA A 282 3.47 -10.97 -27.37
C ALA A 282 3.30 -12.48 -27.18
N ASP A 283 4.04 -13.02 -26.21
CA ASP A 283 3.72 -14.34 -25.69
C ASP A 283 2.30 -14.25 -25.15
N LEU A 284 1.33 -14.78 -25.90
CA LEU A 284 -0.09 -14.53 -25.62
C LEU A 284 -0.54 -15.13 -24.29
N ASP A 285 -0.20 -16.40 -24.05
CA ASP A 285 -0.57 -17.03 -22.79
C ASP A 285 0.06 -16.30 -21.60
N ASN A 286 1.34 -15.93 -21.70
CA ASN A 286 1.99 -15.21 -20.61
C ASN A 286 1.30 -13.88 -20.36
N ALA A 287 0.87 -13.21 -21.44
CA ALA A 287 0.18 -11.93 -21.31
C ALA A 287 -1.21 -12.11 -20.71
N VAL A 288 -1.93 -13.16 -21.11
CA VAL A 288 -3.25 -13.38 -20.54
C VAL A 288 -3.15 -13.66 -19.05
N GLU A 289 -2.16 -14.47 -18.66
CA GLU A 289 -2.06 -14.86 -17.25
C GLU A 289 -1.71 -13.67 -16.36
N PHE A 290 -0.74 -12.85 -16.79
CA PHE A 290 -0.31 -11.75 -15.95
C PHE A 290 -1.36 -10.65 -15.88
N ALA A 291 -2.04 -10.35 -16.99
CA ALA A 291 -3.08 -9.34 -16.94
C ALA A 291 -4.26 -9.81 -16.08
N HIS A 292 -4.63 -11.08 -16.20
CA HIS A 292 -5.66 -11.65 -15.33
C HIS A 292 -5.30 -11.45 -13.85
N HIS A 293 -4.13 -11.91 -13.46
CA HIS A 293 -3.73 -11.76 -12.06
CA HIS A 293 -3.67 -11.75 -12.07
C HIS A 293 -3.62 -10.28 -11.68
N GLY A 294 -3.13 -9.43 -12.58
CA GLY A 294 -3.09 -8.01 -12.31
C GLY A 294 -4.41 -7.42 -11.87
N VAL A 295 -5.50 -7.80 -12.54
CA VAL A 295 -6.77 -7.15 -12.21
C VAL A 295 -7.55 -7.92 -11.13
N PHE A 296 -7.40 -9.25 -11.02
CA PHE A 296 -8.17 -10.04 -10.06
C PHE A 296 -7.45 -10.26 -8.72
N TYR A 297 -6.18 -9.90 -8.60
CA TYR A 297 -5.51 -10.16 -7.33
C TYR A 297 -6.21 -9.49 -6.15
N HIS A 298 -6.31 -10.22 -5.04
CA HIS A 298 -7.01 -9.80 -3.83
C HIS A 298 -8.39 -9.19 -4.16
N GLN A 299 -9.17 -9.92 -4.95
CA GLN A 299 -10.54 -9.50 -5.31
C GLN A 299 -10.56 -8.11 -5.96
N GLY A 300 -9.51 -7.77 -6.71
CA GLY A 300 -9.46 -6.49 -7.40
C GLY A 300 -9.09 -5.32 -6.51
N GLN A 301 -8.79 -5.55 -5.25
CA GLN A 301 -8.58 -4.47 -4.30
C GLN A 301 -7.11 -4.14 -4.19
N CYS A 302 -6.50 -3.94 -5.35
CA CYS A 302 -5.09 -3.55 -5.47
CA CYS A 302 -5.11 -3.55 -5.46
C CYS A 302 -5.00 -2.21 -6.17
N CYS A 303 -4.16 -1.33 -5.62
CA CYS A 303 -3.85 -0.02 -6.24
C CYS A 303 -3.39 -0.18 -7.71
N ILE A 304 -2.66 -1.24 -8.04
CA ILE A 304 -2.08 -1.33 -9.37
C ILE A 304 -2.91 -2.22 -10.28
N ALA A 305 -4.16 -2.51 -9.90
CA ALA A 305 -5.00 -3.40 -10.69
C ALA A 305 -4.89 -3.04 -12.17
N ALA A 306 -4.73 -4.06 -13.03
CA ALA A 306 -4.61 -3.86 -14.47
C ALA A 306 -5.99 -3.72 -15.13
N SER A 307 -6.61 -2.58 -14.87
CA SER A 307 -8.05 -2.42 -15.09
C SER A 307 -8.41 -1.91 -16.47
N ARG A 308 -7.41 -1.69 -17.32
CA ARG A 308 -7.65 -1.46 -18.75
C ARG A 308 -6.63 -2.26 -19.55
N ILE A 309 -7.10 -3.22 -20.34
CA ILE A 309 -6.21 -4.10 -21.11
C ILE A 309 -6.49 -3.86 -22.58
N PHE A 310 -5.55 -3.19 -23.25
CA PHE A 310 -5.62 -2.92 -24.67
C PHE A 310 -4.86 -4.01 -25.42
N VAL A 311 -5.53 -4.63 -26.39
CA VAL A 311 -4.95 -5.76 -27.13
C VAL A 311 -5.04 -5.48 -28.62
N GLU A 312 -3.93 -5.67 -29.32
CA GLU A 312 -3.88 -5.53 -30.77
C GLU A 312 -4.96 -6.40 -31.43
N GLU A 313 -5.63 -5.83 -32.45
CA GLU A 313 -6.84 -6.45 -33.00
C GLU A 313 -6.59 -7.88 -33.50
N SER A 314 -5.50 -8.09 -34.22
CA SER A 314 -5.00 -9.40 -34.63
C SER A 314 -5.19 -10.52 -33.60
N ILE A 315 -5.04 -10.22 -32.31
CA ILE A 315 -5.07 -11.24 -31.26
C ILE A 315 -6.15 -10.96 -30.22
N TYR A 316 -6.97 -9.94 -30.44
CA TYR A 316 -7.95 -9.51 -29.44
C TYR A 316 -8.94 -10.62 -29.10
N ASP A 317 -9.51 -11.26 -30.12
CA ASP A 317 -10.57 -12.23 -29.85
C ASP A 317 -10.02 -13.46 -29.10
N GLU A 318 -8.85 -13.92 -29.50
CA GLU A 318 -8.20 -15.00 -28.76
C GLU A 318 -7.87 -14.56 -27.34
N PHE A 319 -7.42 -13.31 -27.16
CA PHE A 319 -7.09 -12.82 -25.82
C PHE A 319 -8.32 -12.81 -24.93
N VAL A 320 -9.43 -12.29 -25.45
CA VAL A 320 -10.67 -12.24 -24.67
C VAL A 320 -11.10 -13.65 -24.33
N ARG A 321 -11.15 -14.53 -25.34
CA ARG A 321 -11.61 -15.89 -25.08
C ARG A 321 -10.78 -16.55 -23.99
N ARG A 322 -9.45 -16.42 -24.08
CA ARG A 322 -8.60 -17.07 -23.08
C ARG A 322 -8.75 -16.42 -21.71
N SER A 323 -8.99 -15.11 -21.64
CA SER A 323 -9.20 -14.46 -20.34
C SER A 323 -10.53 -14.92 -19.71
N VAL A 324 -11.58 -15.06 -20.51
CA VAL A 324 -12.85 -15.54 -19.96
C VAL A 324 -12.68 -16.93 -19.36
N GLU A 325 -11.99 -17.81 -20.10
CA GLU A 325 -11.76 -19.19 -19.62
C GLU A 325 -11.07 -19.18 -18.26
N ARG A 326 -10.08 -18.30 -18.09
CA ARG A 326 -9.34 -18.29 -16.83
C ARG A 326 -10.18 -17.68 -15.71
N ALA A 327 -11.04 -16.72 -16.05
CA ALA A 327 -11.87 -16.10 -15.03
C ALA A 327 -12.97 -17.02 -14.53
N LYS A 328 -13.32 -18.05 -15.30
CA LYS A 328 -14.39 -18.95 -14.92
C LYS A 328 -13.95 -20.06 -13.97
N LYS A 329 -12.70 -20.03 -13.49
CA LYS A 329 -12.12 -21.15 -12.77
C LYS A 329 -12.01 -20.89 -11.26
N TYR A 330 -12.72 -19.90 -10.74
CA TYR A 330 -12.58 -19.51 -9.36
C TYR A 330 -13.58 -20.18 -8.44
N ILE A 331 -13.17 -20.34 -7.18
CA ILE A 331 -13.99 -20.89 -6.12
C ILE A 331 -14.15 -19.81 -5.05
N LEU A 332 -15.38 -19.36 -4.83
CA LEU A 332 -15.65 -18.33 -3.85
C LEU A 332 -15.93 -18.97 -2.50
N GLY A 333 -15.59 -18.27 -1.43
CA GLY A 333 -15.92 -18.74 -0.10
C GLY A 333 -15.03 -18.10 0.96
N ASN A 334 -15.01 -18.74 2.10
CA ASN A 334 -14.31 -18.19 3.23
C ASN A 334 -12.82 -18.22 2.97
N PRO A 335 -12.11 -17.10 3.08
CA PRO A 335 -10.70 -17.08 2.68
C PRO A 335 -9.80 -18.00 3.51
N LEU A 336 -10.31 -18.60 4.58
CA LEU A 336 -9.53 -19.51 5.41
C LEU A 336 -9.63 -20.98 4.99
N THR A 337 -10.57 -21.36 4.08
CA THR A 337 -10.71 -22.77 3.72
C THR A 337 -9.77 -23.13 2.58
N PRO A 338 -8.98 -24.22 2.67
CA PRO A 338 -8.05 -24.53 1.58
C PRO A 338 -8.79 -24.72 0.26
N GLY A 339 -8.14 -24.36 -0.84
CA GLY A 339 -8.75 -24.47 -2.16
C GLY A 339 -9.69 -23.34 -2.58
N VAL A 340 -10.22 -22.56 -1.63
CA VAL A 340 -10.94 -21.34 -1.96
C VAL A 340 -10.00 -20.38 -2.67
N THR A 341 -10.44 -19.81 -3.78
CA THR A 341 -9.57 -18.95 -4.58
C THR A 341 -10.08 -17.52 -4.76
N GLN A 342 -11.21 -17.16 -4.17
CA GLN A 342 -11.64 -15.77 -4.18
C GLN A 342 -12.48 -15.51 -2.93
N GLY A 343 -12.05 -14.51 -2.15
CA GLY A 343 -12.69 -14.11 -0.94
C GLY A 343 -13.67 -12.97 -1.15
N PRO A 344 -14.18 -12.40 -0.06
CA PRO A 344 -15.13 -11.29 -0.17
C PRO A 344 -14.42 -9.97 -0.44
N GLN A 345 -15.21 -8.97 -0.84
CA GLN A 345 -14.78 -7.57 -0.74
C GLN A 345 -14.82 -7.15 0.74
N ILE A 346 -14.22 -5.99 1.03
CA ILE A 346 -13.92 -5.67 2.43
C ILE A 346 -15.17 -5.24 3.20
N ASP A 347 -16.08 -4.48 2.60
CA ASP A 347 -17.24 -3.97 3.32
C ASP A 347 -18.34 -3.52 2.36
N LYS A 348 -19.42 -2.99 2.94
CA LYS A 348 -20.62 -2.69 2.17
C LYS A 348 -20.41 -1.55 1.20
N GLU A 349 -19.68 -0.50 1.63
CA GLU A 349 -19.36 0.61 0.73
C GLU A 349 -18.71 0.11 -0.55
N GLN A 350 -17.63 -0.69 -0.40
CA GLN A 350 -16.89 -1.15 -1.58
C GLN A 350 -17.74 -2.08 -2.41
N TYR A 351 -18.48 -2.97 -1.75
CA TYR A 351 -19.37 -3.90 -2.43
C TYR A 351 -20.40 -3.14 -3.26
N ASP A 352 -21.05 -2.14 -2.66
CA ASP A 352 -22.02 -1.36 -3.43
C ASP A 352 -21.35 -0.71 -4.64
N LYS A 353 -20.20 -0.07 -4.41
CA LYS A 353 -19.50 0.63 -5.48
C LYS A 353 -19.20 -0.27 -6.66
N ILE A 354 -18.78 -1.51 -6.38
CA ILE A 354 -18.45 -2.47 -7.44
C ILE A 354 -19.70 -2.84 -8.25
N LEU A 355 -20.79 -3.15 -7.55
CA LEU A 355 -22.01 -3.57 -8.23
C LEU A 355 -22.58 -2.44 -9.07
N ASP A 356 -22.57 -1.22 -8.54
CA ASP A 356 -23.00 -0.07 -9.32
C ASP A 356 -22.16 0.11 -10.58
N LEU A 357 -20.83 -0.03 -10.46
CA LEU A 357 -19.99 0.13 -11.64
C LEU A 357 -20.21 -1.01 -12.63
N ILE A 358 -20.41 -2.23 -12.12
CA ILE A 358 -20.75 -3.33 -13.02
C ILE A 358 -22.01 -2.98 -13.80
N GLU A 359 -22.99 -2.38 -13.13
CA GLU A 359 -24.25 -2.06 -13.82
C GLU A 359 -24.04 -0.99 -14.88
N SER A 360 -23.23 0.02 -14.54
CA SER A 360 -22.82 1.03 -15.53
C SER A 360 -22.26 0.37 -16.77
N GLY A 361 -21.43 -0.67 -16.58
CA GLY A 361 -20.88 -1.36 -17.73
C GLY A 361 -21.95 -1.98 -18.61
N LYS A 362 -22.92 -2.63 -17.99
CA LYS A 362 -24.02 -3.20 -18.78
C LYS A 362 -24.77 -2.09 -19.52
N LYS A 363 -25.21 -1.06 -18.79
CA LYS A 363 -26.07 -0.05 -19.37
C LYS A 363 -25.34 0.78 -20.42
N GLU A 364 -24.05 1.03 -20.25
CA GLU A 364 -23.30 1.85 -21.20
C GLU A 364 -22.87 1.06 -22.43
N GLY A 365 -23.14 -0.23 -22.49
CA GLY A 365 -22.96 -0.97 -23.71
C GLY A 365 -21.77 -1.91 -23.74
N ALA A 366 -21.14 -2.19 -22.60
CA ALA A 366 -20.07 -3.16 -22.61
C ALA A 366 -20.61 -4.56 -22.87
N LYS A 367 -19.73 -5.43 -23.36
CA LYS A 367 -20.09 -6.83 -23.58
C LYS A 367 -19.71 -7.63 -22.33
N LEU A 368 -20.72 -8.13 -21.63
CA LEU A 368 -20.51 -8.98 -20.45
C LEU A 368 -20.15 -10.38 -20.92
N GLU A 369 -18.95 -10.82 -20.60
CA GLU A 369 -18.52 -12.15 -20.96
C GLU A 369 -18.74 -13.19 -19.87
N CYS A 370 -18.70 -12.80 -18.60
CA CYS A 370 -18.99 -13.69 -17.48
C CYS A 370 -19.20 -12.87 -16.21
N GLY A 371 -19.72 -13.52 -15.16
CA GLY A 371 -20.01 -12.80 -13.93
C GLY A 371 -21.12 -11.77 -14.08
N GLY A 372 -20.99 -10.68 -13.33
CA GLY A 372 -21.92 -9.56 -13.44
C GLY A 372 -22.85 -9.36 -12.26
N GLY A 373 -22.80 -10.22 -11.25
CA GLY A 373 -23.66 -10.07 -10.10
C GLY A 373 -23.01 -10.47 -8.79
N PRO A 374 -23.77 -10.37 -7.68
CA PRO A 374 -23.23 -10.82 -6.38
C PRO A 374 -23.24 -12.33 -6.22
N TRP A 375 -22.85 -12.81 -5.03
CA TRP A 375 -22.78 -14.24 -4.72
C TRP A 375 -22.98 -14.47 -3.23
N GLY A 376 -23.79 -15.49 -2.92
CA GLY A 376 -23.77 -16.07 -1.60
C GLY A 376 -24.85 -15.52 -0.68
N ASN A 377 -25.04 -16.28 0.42
CA ASN A 377 -25.95 -15.96 1.51
C ASN A 377 -25.43 -14.84 2.40
N LYS A 378 -24.12 -14.77 2.61
CA LYS A 378 -23.48 -13.82 3.52
C LYS A 378 -22.09 -13.55 2.97
N GLY A 379 -21.49 -12.47 3.48
CA GLY A 379 -20.20 -12.04 2.95
C GLY A 379 -20.36 -11.13 1.74
N TYR A 380 -19.38 -10.23 1.55
CA TYR A 380 -19.49 -9.21 0.51
C TYR A 380 -18.88 -9.71 -0.81
N PHE A 381 -19.49 -10.76 -1.36
CA PHE A 381 -18.90 -11.49 -2.48
C PHE A 381 -19.41 -10.92 -3.80
N VAL A 382 -18.51 -10.83 -4.78
CA VAL A 382 -18.83 -10.39 -6.13
C VAL A 382 -18.34 -11.44 -7.10
N GLN A 383 -19.18 -11.83 -8.06
CA GLN A 383 -18.73 -12.77 -9.08
C GLN A 383 -17.57 -12.15 -9.84
N PRO A 384 -16.53 -12.90 -10.16
CA PRO A 384 -15.48 -12.34 -11.04
C PRO A 384 -16.09 -12.05 -12.42
N THR A 385 -15.82 -10.85 -12.93
CA THR A 385 -16.58 -10.29 -14.03
C THR A 385 -15.63 -9.79 -15.11
N VAL A 386 -15.94 -10.11 -16.37
CA VAL A 386 -15.14 -9.70 -17.52
C VAL A 386 -16.02 -8.95 -18.49
N PHE A 387 -15.56 -7.77 -18.91
CA PHE A 387 -16.21 -6.95 -19.93
C PHE A 387 -15.27 -6.87 -21.13
N SER A 388 -15.85 -7.09 -22.31
CA SER A 388 -15.27 -7.01 -23.64
C SER A 388 -15.84 -5.80 -24.36
N ASN A 389 -15.14 -5.35 -25.40
CA ASN A 389 -15.56 -4.20 -26.19
C ASN A 389 -15.80 -2.96 -25.34
N VAL A 390 -14.94 -2.73 -24.37
CA VAL A 390 -15.04 -1.54 -23.54
C VAL A 390 -14.49 -0.35 -24.31
N THR A 391 -15.12 0.82 -24.15
CA THR A 391 -14.69 2.05 -24.82
C THR A 391 -14.31 3.08 -23.76
N ASP A 392 -13.49 4.04 -24.20
CA ASP A 392 -12.71 4.87 -23.28
C ASP A 392 -13.57 5.80 -22.47
N GLU A 393 -14.80 6.03 -22.92
CA GLU A 393 -15.76 6.92 -22.29
C GLU A 393 -16.52 6.24 -21.16
N MET A 394 -16.54 4.93 -21.10
CA MET A 394 -17.40 4.31 -20.10
C MET A 394 -16.84 4.44 -18.71
N ARG A 395 -17.76 4.42 -17.75
CA ARG A 395 -17.37 4.50 -16.35
C ARG A 395 -16.41 3.38 -15.97
N ILE A 396 -16.66 2.15 -16.44
CA ILE A 396 -15.72 1.07 -16.07
C ILE A 396 -14.33 1.27 -16.70
N ALA A 397 -14.19 2.15 -17.68
CA ALA A 397 -12.87 2.49 -18.21
C ALA A 397 -12.22 3.68 -17.50
N LYS A 398 -13.01 4.53 -16.84
CA LYS A 398 -12.47 5.74 -16.25
C LYS A 398 -12.25 5.65 -14.75
N GLU A 399 -13.08 4.90 -14.04
CA GLU A 399 -13.13 4.93 -12.59
C GLU A 399 -12.45 3.69 -12.04
N GLU A 400 -11.59 3.86 -11.04
CA GLU A 400 -11.09 2.71 -10.30
C GLU A 400 -12.23 1.96 -9.66
N ILE A 401 -12.32 0.66 -9.95
CA ILE A 401 -13.43 -0.16 -9.46
C ILE A 401 -13.12 -0.77 -8.11
N PHE A 402 -11.89 -1.25 -7.93
CA PHE A 402 -11.47 -1.96 -6.72
C PHE A 402 -12.31 -3.21 -6.47
N GLY A 403 -12.73 -3.86 -7.54
CA GLY A 403 -13.46 -5.12 -7.45
C GLY A 403 -12.99 -6.09 -8.54
N PRO A 404 -13.52 -7.31 -8.55
CA PRO A 404 -13.01 -8.31 -9.51
C PRO A 404 -13.64 -8.10 -10.88
N VAL A 405 -13.21 -7.05 -11.59
CA VAL A 405 -13.91 -6.61 -12.80
C VAL A 405 -12.88 -6.20 -13.85
N GLN A 406 -12.79 -6.97 -14.92
CA GLN A 406 -11.75 -6.83 -15.93
C GLN A 406 -12.33 -6.16 -17.17
N GLN A 407 -11.62 -5.19 -17.70
CA GLN A 407 -12.00 -4.50 -18.94
C GLN A 407 -10.98 -4.84 -20.03
N ILE A 408 -11.47 -5.24 -21.21
CA ILE A 408 -10.62 -5.60 -22.34
C ILE A 408 -11.08 -4.80 -23.57
N MET A 409 -10.13 -4.07 -24.16
CA MET A 409 -10.34 -3.18 -25.29
C MET A 409 -9.43 -3.60 -26.42
N LYS A 410 -9.79 -3.20 -27.64
CA LYS A 410 -8.98 -3.44 -28.83
C LYS A 410 -8.32 -2.15 -29.30
N PHE A 411 -7.15 -2.28 -29.90
CA PHE A 411 -6.50 -1.16 -30.57
C PHE A 411 -5.90 -1.68 -31.85
N LYS A 412 -5.65 -0.80 -32.83
CA LYS A 412 -4.79 -1.21 -33.94
C LYS A 412 -3.64 -0.23 -34.19
N SER A 413 -3.75 1.02 -33.76
CA SER A 413 -2.66 1.97 -33.92
CA SER A 413 -2.66 1.98 -33.92
C SER A 413 -1.90 2.14 -32.60
N LEU A 414 -0.60 1.85 -32.62
CA LEU A 414 0.21 1.93 -31.41
C LEU A 414 0.36 3.38 -30.89
N ASP A 415 0.62 4.34 -31.78
CA ASP A 415 0.57 5.74 -31.36
C ASP A 415 -0.70 6.06 -30.58
N ASP A 416 -1.85 5.67 -31.13
CA ASP A 416 -3.12 6.02 -30.52
C ASP A 416 -3.34 5.29 -29.20
N VAL A 417 -2.89 4.04 -29.09
CA VAL A 417 -3.19 3.32 -27.86
C VAL A 417 -2.33 3.85 -26.70
N ILE A 418 -1.17 4.43 -27.00
CA ILE A 418 -0.36 5.04 -25.96
C ILE A 418 -1.05 6.29 -25.44
N LYS A 419 -1.66 7.08 -26.33
CA LYS A 419 -2.39 8.25 -25.89
C LYS A 419 -3.60 7.84 -25.05
N ARG A 420 -4.29 6.77 -25.47
CA ARG A 420 -5.41 6.25 -24.69
C ARG A 420 -4.94 5.77 -23.32
N ALA A 421 -3.83 5.04 -23.29
CA ALA A 421 -3.32 4.57 -22.00
C ALA A 421 -2.96 5.75 -21.11
N ASN A 422 -2.46 6.85 -21.70
CA ASN A 422 -2.03 7.99 -20.92
C ASN A 422 -3.16 8.95 -20.63
N ASN A 423 -4.31 8.77 -21.27
CA ASN A 423 -5.41 9.72 -21.17
C ASN A 423 -6.25 9.40 -19.92
N THR A 424 -5.67 9.70 -18.77
CA THR A 424 -6.28 9.48 -17.47
C THR A 424 -5.55 10.40 -16.50
N PHE A 425 -6.23 10.81 -15.43
CA PHE A 425 -5.52 11.52 -14.36
C PHE A 425 -4.74 10.57 -13.46
N TYR A 426 -5.00 9.26 -13.56
CA TYR A 426 -4.23 8.28 -12.82
C TYR A 426 -2.85 8.08 -13.48
N GLY A 427 -2.02 7.26 -12.86
CA GLY A 427 -0.67 7.13 -13.33
C GLY A 427 0.19 6.24 -12.47
N LEU A 428 -0.40 5.23 -11.85
CA LEU A 428 0.36 4.46 -10.87
C LEU A 428 1.28 3.43 -11.53
N SER A 429 0.80 2.71 -12.55
CA SER A 429 1.54 1.59 -13.11
C SER A 429 1.00 1.28 -14.50
N ALA A 430 1.71 0.42 -15.22
CA ALA A 430 1.30 0.01 -16.55
C ALA A 430 2.05 -1.26 -16.91
N GLY A 431 1.57 -1.95 -17.93
CA GLY A 431 2.22 -3.15 -18.42
C GLY A 431 2.31 -3.15 -19.93
N VAL A 432 3.42 -3.67 -20.44
CA VAL A 432 3.69 -3.77 -21.88
C VAL A 432 4.07 -5.20 -22.21
N PHE A 433 3.41 -5.82 -23.20
CA PHE A 433 3.66 -7.21 -23.56
C PHE A 433 4.08 -7.28 -25.01
N THR A 434 5.36 -7.56 -25.23
CA THR A 434 5.93 -7.64 -26.56
C THR A 434 7.24 -8.41 -26.44
N LYS A 435 7.66 -9.01 -27.55
CA LYS A 435 9.00 -9.59 -27.68
C LYS A 435 10.02 -8.61 -28.24
N ASP A 436 9.59 -7.46 -28.76
CA ASP A 436 10.47 -6.55 -29.50
C ASP A 436 11.20 -5.61 -28.56
N ILE A 437 12.54 -5.67 -28.58
CA ILE A 437 13.35 -4.84 -27.69
C ILE A 437 12.96 -3.38 -27.85
N ASP A 438 12.92 -2.90 -29.09
CA ASP A 438 12.75 -1.47 -29.29
C ASP A 438 11.39 -1.02 -28.77
N LYS A 439 10.34 -1.81 -29.03
CA LYS A 439 9.02 -1.43 -28.56
C LYS A 439 8.96 -1.45 -27.04
N ALA A 440 9.60 -2.44 -26.41
CA ALA A 440 9.55 -2.50 -24.95
C ALA A 440 10.14 -1.25 -24.33
N ILE A 441 11.27 -0.78 -24.87
CA ILE A 441 11.92 0.38 -24.30
C ILE A 441 11.14 1.65 -24.58
N THR A 442 10.75 1.85 -25.85
CA THR A 442 10.14 3.12 -26.23
C THR A 442 8.72 3.22 -25.68
N ILE A 443 7.97 2.10 -25.65
CA ILE A 443 6.63 2.17 -25.06
C ILE A 443 6.74 2.48 -23.57
N SER A 444 7.61 1.75 -22.85
CA SER A 444 7.74 1.96 -21.41
C SER A 444 8.18 3.39 -21.12
N SER A 445 9.07 3.94 -21.94
CA SER A 445 9.45 5.34 -21.79
C SER A 445 8.30 6.30 -22.03
N ALA A 446 7.38 5.97 -22.93
CA ALA A 446 6.32 6.91 -23.24
C ALA A 446 5.16 6.86 -22.25
N LEU A 447 4.98 5.76 -21.53
CA LEU A 447 3.82 5.63 -20.65
C LEU A 447 4.01 6.50 -19.40
N GLN A 448 2.97 7.23 -19.03
CA GLN A 448 3.05 8.13 -17.87
C GLN A 448 2.60 7.38 -16.60
N ALA A 449 3.49 6.54 -16.09
CA ALA A 449 3.17 5.61 -15.02
C ALA A 449 4.41 5.34 -14.17
N GLY A 450 4.20 5.21 -12.87
CA GLY A 450 5.31 5.10 -11.93
C GLY A 450 6.10 3.81 -12.02
N THR A 451 5.41 2.68 -12.18
CA THR A 451 6.04 1.42 -12.51
C THR A 451 5.48 0.90 -13.82
N VAL A 452 6.36 0.52 -14.75
CA VAL A 452 5.98 -0.17 -15.97
C VAL A 452 6.59 -1.57 -15.95
N TRP A 453 5.73 -2.58 -15.98
CA TRP A 453 6.15 -3.96 -16.17
C TRP A 453 6.21 -4.35 -17.65
N VAL A 454 7.24 -5.10 -18.02
CA VAL A 454 7.41 -5.59 -19.39
C VAL A 454 7.35 -7.11 -19.34
N ASN A 455 6.36 -7.67 -20.05
CA ASN A 455 6.10 -9.12 -20.09
C ASN A 455 5.87 -9.76 -18.72
N CYS A 456 5.42 -8.94 -17.77
CA CYS A 456 4.96 -9.37 -16.46
C CYS A 456 4.01 -8.29 -15.94
N TYR A 457 3.53 -8.49 -14.72
CA TYR A 457 2.63 -7.52 -14.11
C TYR A 457 2.63 -7.75 -12.61
N GLY A 458 2.51 -6.66 -11.84
CA GLY A 458 2.31 -6.80 -10.42
C GLY A 458 3.53 -7.23 -9.64
N VAL A 459 4.72 -7.03 -10.20
CA VAL A 459 5.95 -7.46 -9.56
C VAL A 459 6.47 -6.32 -8.70
N VAL A 460 6.33 -6.47 -7.38
CA VAL A 460 6.69 -5.45 -6.40
C VAL A 460 7.76 -6.06 -5.50
N SER A 461 8.78 -5.27 -5.18
CA SER A 461 9.89 -5.73 -4.34
C SER A 461 10.47 -4.54 -3.58
N ALA A 462 11.03 -4.84 -2.39
CA ALA A 462 11.54 -3.83 -1.47
C ALA A 462 12.65 -2.99 -2.08
N GLN A 463 13.37 -3.53 -3.08
CA GLN A 463 14.51 -2.85 -3.66
C GLN A 463 14.10 -1.80 -4.69
N CYS A 464 12.81 -1.77 -5.07
CA CYS A 464 12.27 -0.89 -6.11
C CYS A 464 11.49 0.27 -5.53
N PRO A 465 11.74 1.50 -5.95
CA PRO A 465 10.83 2.57 -5.58
C PRO A 465 9.47 2.38 -6.27
N PHE A 466 8.43 2.83 -5.60
CA PHE A 466 7.05 2.58 -5.99
C PHE A 466 6.25 3.84 -5.68
N GLY A 467 5.53 4.34 -6.68
CA GLY A 467 4.66 5.49 -6.51
C GLY A 467 4.08 5.94 -7.83
N GLY A 468 3.18 6.92 -7.73
CA GLY A 468 2.40 7.39 -8.87
C GLY A 468 2.94 8.62 -9.58
N PHE A 469 2.67 8.64 -10.89
CA PHE A 469 2.60 9.84 -11.68
C PHE A 469 1.23 10.49 -11.46
N LYS A 470 1.17 11.80 -11.65
CA LYS A 470 -0.11 12.53 -11.75
C LYS A 470 -0.94 12.31 -10.48
N MET A 471 -2.26 12.14 -10.59
CA MET A 471 -3.13 12.04 -9.44
C MET A 471 -3.09 10.66 -8.77
N SER A 472 -2.24 9.74 -9.24
CA SER A 472 -2.08 8.51 -8.48
C SER A 472 -1.17 8.72 -7.26
N GLY A 473 -0.64 9.93 -7.08
CA GLY A 473 0.11 10.28 -5.88
C GLY A 473 1.40 11.03 -6.14
N ASN A 474 2.09 11.34 -5.04
CA ASN A 474 3.36 12.05 -5.10
C ASN A 474 4.35 11.35 -4.17
N GLY A 475 5.61 11.39 -4.55
CA GLY A 475 6.70 10.74 -3.82
C GLY A 475 6.81 9.27 -4.16
N ARG A 476 7.84 8.66 -3.62
CA ARG A 476 8.11 7.24 -3.83
C ARG A 476 8.36 6.53 -2.50
N GLU A 477 7.95 5.26 -2.44
CA GLU A 477 8.14 4.40 -1.29
C GLU A 477 9.10 3.27 -1.62
N LEU A 478 9.93 2.93 -0.63
CA LEU A 478 10.91 1.85 -0.71
C LEU A 478 12.00 2.12 -1.75
N GLY A 479 12.87 1.15 -1.99
CA GLY A 479 14.08 1.42 -2.76
C GLY A 479 14.96 2.43 -2.06
N GLU A 480 16.13 2.66 -2.65
CA GLU A 480 16.99 3.75 -2.23
C GLU A 480 16.21 5.05 -2.26
N TYR A 481 15.44 5.25 -3.31
CA TYR A 481 14.89 6.57 -3.55
C TYR A 481 13.83 6.94 -2.54
N GLY A 482 13.05 5.96 -2.09
CA GLY A 482 11.99 6.23 -1.16
C GLY A 482 12.49 6.65 0.20
N PHE A 483 13.72 6.29 0.54
CA PHE A 483 14.25 6.73 1.81
C PHE A 483 14.43 8.25 1.84
N HIS A 484 14.58 8.90 0.68
CA HIS A 484 14.76 10.36 0.71
C HIS A 484 13.59 11.07 1.38
N GLU A 485 12.37 10.55 1.20
CA GLU A 485 11.17 11.20 1.69
C GLU A 485 11.00 11.03 3.20
N TYR A 486 11.85 10.28 3.86
CA TYR A 486 11.85 10.23 5.32
C TYR A 486 13.06 10.92 5.94
N THR A 487 13.71 11.79 5.18
CA THR A 487 14.78 12.59 5.76
C THR A 487 14.57 14.06 5.44
N GLU A 488 15.20 14.88 6.26
CA GLU A 488 15.23 16.32 6.11
C GLU A 488 16.70 16.69 6.00
N VAL A 489 17.05 17.37 4.91
CA VAL A 489 18.45 17.70 4.65
C VAL A 489 18.82 19.03 5.31
N LYS A 490 19.88 19.01 6.10
CA LYS A 490 20.47 20.19 6.70
C LYS A 490 21.85 20.42 6.12
N THR A 491 22.09 21.64 5.67
CA THR A 491 23.40 22.06 5.19
C THR A 491 24.13 22.79 6.30
N VAL A 492 25.33 22.31 6.63
CA VAL A 492 26.20 22.96 7.61
C VAL A 492 27.42 23.52 6.88
N THR A 493 27.63 24.84 7.00
CA THR A 493 28.69 25.52 6.28
C THR A 493 29.56 26.28 7.27
N VAL A 494 30.83 25.89 7.34
CA VAL A 494 31.76 26.31 8.38
C VAL A 494 32.82 27.19 7.74
N LYS A 495 32.99 28.40 8.27
CA LYS A 495 34.07 29.26 7.82
C LYS A 495 35.42 28.69 8.24
N ILE A 496 36.35 28.62 7.28
CA ILE A 496 37.71 28.17 7.53
C ILE A 496 38.70 29.15 6.91
N SER A 497 39.90 29.15 7.47
CA SER A 497 40.95 30.07 7.05
C SER A 497 41.36 29.82 5.60
N GLN A 498 41.49 28.56 5.20
CA GLN A 498 41.88 28.22 3.83
CA GLN A 498 41.72 28.27 3.80
C GLN A 498 41.37 26.82 3.55
N LYS A 499 40.68 26.61 2.45
CA LYS A 499 40.28 25.30 1.97
C LYS A 499 41.29 24.73 0.98
N ASN A 500 41.33 23.40 0.89
CA ASN A 500 42.13 22.68 -0.08
C ASN A 500 41.25 21.56 -0.63
N SER A 501 41.40 21.30 -1.91
CA SER A 501 40.62 20.25 -2.59
C SER A 501 40.91 18.91 -1.92
YB YB B . -26.87 -9.56 2.25
YB YB C . -13.85 6.94 2.35
C1 Y0B D . 1.95 -3.29 -2.43
C10 Y0B D . 0.47 -7.52 -4.44
C11 Y0B D . 1.09 -7.43 -5.81
C12 Y0B D . 0.03 -7.70 -6.90
C14 Y0B D . 3.12 -8.67 -0.90
C15 Y0B D . 4.61 -8.31 -1.16
C16 Y0B D . 5.45 -9.23 -1.84
C17 Y0B D . 6.80 -8.93 -2.05
C18 Y0B D . 7.32 -7.72 -1.60
C19 Y0B D . 6.49 -6.81 -0.92
C2 Y0B D . 1.31 -2.43 -3.31
C20 Y0B D . 5.15 -7.12 -0.70
C23 Y0B D . 8.00 -5.01 -1.23
C3 Y0B D . 0.55 -2.95 -4.37
C4 Y0B D . 0.42 -4.35 -4.52
C5 Y0B D . 1.07 -5.22 -3.61
C6 Y0B D . 1.83 -4.71 -2.58
C8 Y0B D . 1.91 -6.91 -2.45
N13 Y0B D . 2.20 -8.31 -2.03
N7 Y0B D . 2.33 -5.80 -1.87
N9 Y0B D . 1.14 -6.58 -3.52
O21 Y0B D . 4.38 -6.19 -0.02
O22 Y0B D . 6.96 -5.56 -0.42
H11 Y0B D . 2.54 -2.89 -1.61
H101 Y0B D . 0.57 -8.53 -4.05
H102 Y0B D . -0.58 -7.26 -4.49
H111 Y0B D . 1.51 -6.45 -5.96
H112 Y0B D . 1.88 -8.17 -5.90
H121 Y0B D . -0.85 -7.10 -6.70
H123 Y0B D . -0.24 -8.74 -6.90
H122 Y0B D . 0.42 -7.43 -7.87
H141 Y0B D . 2.79 -8.15 -0.01
H142 Y0B D . 3.05 -9.75 -0.75
H161 Y0B D . 5.05 -10.17 -2.19
H171 Y0B D . 7.43 -9.64 -2.57
H181 Y0B D . 8.36 -7.49 -1.77
H21 Y0B D . 1.41 -1.36 -3.20
H232 Y0B D . 8.17 -3.96 -0.94
H233 Y0B D . 7.69 -5.04 -2.29
H231 Y0B D . 8.92 -5.58 -1.08
H31 Y0B D . 0.05 -2.28 -5.07
H41 Y0B D . -0.17 -4.74 -5.33
H131 Y0B D . 1.76 -9.07 -2.55
H211 Y0B D . 4.93 -5.61 0.45
PA NAD E . -10.26 5.85 2.31
O1A NAD E . -9.27 6.74 1.59
O2A NAD E . -11.32 6.77 2.81
O5B NAD E . -9.63 5.12 3.67
C5B NAD E . -8.25 4.78 3.74
C4B NAD E . -7.68 5.44 5.03
O4B NAD E . -7.92 6.75 4.98
C3B NAD E . -8.37 4.94 6.32
O3B NAD E . -7.42 4.85 7.31
C2B NAD E . -9.42 6.05 6.60
O2B NAD E . -9.89 5.97 8.02
C1B NAD E . -8.75 7.15 6.29
N9A NAD E . -9.59 8.31 6.14
C8A NAD E . -10.85 8.35 5.67
N7A NAD E . -11.28 9.62 5.74
C5A NAD E . -10.27 10.35 6.23
C6A NAD E . -10.18 11.70 6.47
N6A NAD E . -11.17 12.73 6.29
N1A NAD E . -9.08 12.22 6.96
C2A NAD E . -8.02 11.42 7.22
N3A NAD E . -8.08 10.08 6.98
C4A NAD E . -9.22 9.56 6.48
O3 NAD E . -10.73 4.64 1.31
PN NAD E . -12.20 3.88 1.29
O1N NAD E . -13.32 4.89 1.54
O2N NAD E . -12.15 2.75 2.31
O5D NAD E . -12.26 3.24 -0.24
C5D NAD E . -12.77 4.06 -1.24
C4D NAD E . -11.86 3.96 -2.50
O4D NAD E . -10.67 4.47 -2.25
C3D NAD E . -11.63 2.52 -2.98
O3D NAD E . -12.71 2.10 -3.69
C2D NAD E . -10.31 2.72 -3.80
O2D NAD E . -10.75 3.03 -5.19
C1D NAD E . -9.62 3.68 -3.16
N1N NAD E . -8.62 3.00 -2.35
C2N NAD E . -7.31 2.89 -2.76
C3N NAD E . -6.38 2.20 -1.99
C7N NAD E . -4.94 2.03 -2.49
O7N NAD E . -4.35 1.01 -2.37
N7N NAD E . -4.40 3.11 -3.24
C4N NAD E . -6.76 1.63 -0.81
C5N NAD E . -8.04 1.75 -0.38
C6N NAD E . -8.97 2.44 -1.16
H51A NAD E . -8.14 3.70 3.79
H52A NAD E . -7.73 5.15 2.87
H4B NAD E . -6.62 5.23 5.12
H3B NAD E . -8.88 3.98 6.22
HO3A NAD E . -6.99 4.00 7.24
H2B NAD E . -10.30 5.98 5.97
HO2A NAD E . -10.83 6.01 8.03
H1B NAD E . -8.06 7.41 7.10
H8A NAD E . -11.42 7.50 5.31
H61A NAD E . -11.21 13.52 6.90
H62A NAD E . -11.84 12.64 5.55
H2A NAD E . -7.11 11.84 7.61
H51N NAD E . -12.80 5.09 -0.89
H52N NAD E . -13.77 3.74 -1.50
H4D NAD E . -12.33 4.50 -3.31
H3D NAD E . -11.47 1.77 -2.20
HO3N NAD E . -12.41 1.46 -4.30
H2D NAD E . -9.64 1.87 -3.80
HO2N NAD E . -10.77 2.25 -5.71
H1D NAD E . -9.17 4.38 -3.85
H2N NAD E . -7.01 3.35 -3.69
H71N NAD E . -4.94 3.95 -3.36
H72N NAD E . -3.47 3.03 -3.60
H4N NAD E . -6.04 1.08 -0.21
H5N NAD E . -8.35 1.32 0.57
H6N NAD E . -9.81 2.30 -0.48
CL CL F . 22.94 16.37 0.28
#